data_5D9Y
#
_entry.id   5D9Y
#
_cell.length_a   48.154
_cell.length_b   87.958
_cell.length_c   268.020
_cell.angle_alpha   90.000
_cell.angle_beta   90.000
_cell.angle_gamma   90.000
#
_symmetry.space_group_name_H-M   'C 2 2 21'
#
loop_
_entity.id
_entity.type
_entity.pdbx_description
1 polymer 'Methylcytosine dioxygenase TET2,Methylcytosine dioxygenase TET2'
2 polymer "DNA (5'-D(*AP*CP*TP*GP*TP*(5FC)P*GP*AP*AP*GP*CP*T)-3')"
3 polymer "DNA (5'-D(*AP*GP*CP*TP*TP*CP*GP*AP*CP*AP*GP*T)-3')"
4 non-polymer N-OXALYLGLYCINE
5 non-polymer 'FE (III) ION'
6 non-polymer 'ZINC ION'
7 water water
#
loop_
_entity_poly.entity_id
_entity_poly.type
_entity_poly.pdbx_seq_one_letter_code
_entity_poly.pdbx_strand_id
1 'polypeptide(L)'
;GSDFPSCRCVEQIIEKDEGPFYTHLGAGPNVAAIREIMEERFGQKGKAIRIERVIYTGKEGKSSQGCPIAKWVVRRSSSE
EKLLCLVRERAGHTCEAAVIVILILVWEGIPLSLADKLYSELTETLRKYGTLTNRRCALNEERTCACQGLDPETCGASFS
FGCSWSMYYNGCKFARSKIPRKFKLLGDDPKEEEKLESHLQNLSTLMAPTYKKLAPDAYNNQIEYEHRAPECRLGLKEGR
PFSGVTACLDFCAHAHRDLHNMQNGSTLVCTLTREDNREFGGKPEDEQLHVLPLYKVSDVDEFGSVEAQEEKKRSGAIQV
LSSFRRKVRMLAEPVKTCRQRKLEAKKAAAEKLSGGGGSGGGGSGGGGSDEVWSDSEQSFLDPDIGGVAVAPTHGSILIE
CAKRELHATTPLKNPNRNHPTRISLVFYQHKSMNEPKHGLALWEAKMAEKAREKEEECEKYG
;
A
2 'polydeoxyribonucleotide' (DA)(DC)(DT)(DG)(DT)(5FC)(DG)(DA)(DA)(DG)(DC)(DT) B
3 'polydeoxyribonucleotide' (DA)(DG)(DC)(DT)(DT)(DC)(DG)(DA)(DC)(DA)(DG)(DT) C
#
# COMPACT_ATOMS: atom_id res chain seq x y z
N SER A 6 -27.64 -7.56 11.87
CA SER A 6 -26.39 -7.17 11.25
C SER A 6 -26.65 -6.22 10.07
N CYS A 7 -26.73 -4.93 10.37
CA CYS A 7 -26.44 -4.42 11.71
C CYS A 7 -27.63 -3.71 12.35
N ARG A 8 -27.65 -3.64 13.68
CA ARG A 8 -28.67 -2.89 14.39
C ARG A 8 -28.12 -2.09 15.55
N CYS A 9 -26.79 -2.01 15.64
CA CYS A 9 -26.17 -1.26 16.71
C CYS A 9 -26.52 0.24 16.56
N VAL A 10 -26.68 0.65 15.31
CA VAL A 10 -27.14 2.01 14.98
C VAL A 10 -28.16 1.87 13.85
N GLU A 11 -28.64 2.99 13.33
CA GLU A 11 -29.64 2.92 12.25
C GLU A 11 -29.11 3.52 10.95
N GLN A 12 -27.94 4.15 11.00
CA GLN A 12 -27.23 4.47 9.77
C GLN A 12 -25.72 4.43 9.97
N ILE A 13 -25.02 4.19 8.88
CA ILE A 13 -23.59 3.94 8.92
C ILE A 13 -22.88 5.25 8.62
N ILE A 14 -22.40 5.92 9.65
CA ILE A 14 -21.84 7.25 9.47
C ILE A 14 -20.35 6.99 9.46
N GLU A 15 -19.88 6.58 8.29
CA GLU A 15 -18.49 6.20 8.05
C GLU A 15 -17.58 7.36 8.35
N LYS A 16 -18.09 8.55 8.13
CA LYS A 16 -17.34 9.76 8.41
C LYS A 16 -16.97 9.79 9.91
N ASP A 17 -17.65 8.99 10.74
CA ASP A 17 -17.23 8.90 12.14
C ASP A 17 -16.66 7.53 12.51
N GLU A 18 -17.31 6.42 12.15
CA GLU A 18 -16.81 5.10 12.58
C GLU A 18 -15.74 4.57 11.60
N GLY A 19 -15.55 5.27 10.49
CA GLY A 19 -14.61 4.82 9.47
C GLY A 19 -15.31 3.96 8.43
N PRO A 20 -14.65 3.72 7.29
CA PRO A 20 -15.26 2.91 6.24
C PRO A 20 -15.56 1.50 6.73
N PHE A 21 -16.71 0.97 6.34
CA PHE A 21 -17.10 -0.38 6.79
C PHE A 21 -16.98 -1.39 5.67
N TYR A 22 -16.25 -2.47 5.93
CA TYR A 22 -16.08 -3.58 4.99
C TYR A 22 -15.58 -4.74 5.80
N THR A 23 -15.72 -5.95 5.26
CA THR A 23 -15.35 -7.14 6.02
C THR A 23 -14.52 -8.13 5.23
N HIS A 24 -14.14 -7.81 4.00
CA HIS A 24 -13.51 -8.85 3.19
C HIS A 24 -12.05 -9.12 3.53
N LEU A 25 -11.48 -8.35 4.47
CA LEU A 25 -10.18 -8.72 4.99
C LEU A 25 -10.36 -9.56 6.24
N GLY A 26 -11.54 -9.49 6.83
CA GLY A 26 -11.83 -10.24 8.05
C GLY A 26 -12.66 -9.39 9.02
N ALA A 27 -13.51 -10.06 9.80
CA ALA A 27 -14.41 -9.38 10.73
C ALA A 27 -14.86 -10.36 11.81
N GLY A 28 -15.28 -9.84 12.96
CA GLY A 28 -15.62 -10.67 14.11
C GLY A 28 -16.25 -9.84 15.22
N PRO A 29 -16.85 -10.52 16.22
CA PRO A 29 -17.53 -9.85 17.32
C PRO A 29 -16.56 -9.16 18.27
N ASN A 30 -15.35 -9.69 18.39
CA ASN A 30 -14.35 -9.14 19.29
C ASN A 30 -12.93 -9.45 18.81
N VAL A 31 -11.94 -8.85 19.45
CA VAL A 31 -10.56 -8.99 19.01
C VAL A 31 -10.12 -10.44 19.10
N ALA A 32 -10.55 -11.13 20.15
CA ALA A 32 -10.26 -12.56 20.30
C ALA A 32 -10.71 -13.36 19.09
N ALA A 33 -11.86 -13.01 18.53
CA ALA A 33 -12.38 -13.70 17.36
C ALA A 33 -11.42 -13.56 16.19
N ILE A 34 -10.92 -12.34 15.99
CA ILE A 34 -9.98 -12.07 14.92
C ILE A 34 -8.76 -12.97 15.07
N ARG A 35 -8.27 -13.13 16.30
CA ARG A 35 -7.10 -13.95 16.51
C ARG A 35 -7.40 -15.38 16.11
N GLU A 36 -8.59 -15.86 16.41
CA GLU A 36 -8.97 -17.22 16.02
C GLU A 36 -8.94 -17.39 14.51
N ILE A 37 -9.56 -16.46 13.79
CA ILE A 37 -9.52 -16.43 12.34
C ILE A 37 -8.09 -16.43 11.81
N MET A 38 -7.26 -15.54 12.34
CA MET A 38 -5.92 -15.36 11.78
C MET A 38 -5.00 -16.54 12.10
N GLU A 39 -5.19 -17.16 13.28
CA GLU A 39 -4.39 -18.32 13.64
C GLU A 39 -4.72 -19.48 12.70
N GLU A 40 -5.99 -19.56 12.30
CA GLU A 40 -6.46 -20.61 11.42
C GLU A 40 -5.96 -20.37 10.00
N ARG A 41 -6.09 -19.13 9.53
CA ARG A 41 -5.63 -18.76 8.19
C ARG A 41 -4.15 -19.01 8.04
N PHE A 42 -3.38 -18.48 8.97
CA PHE A 42 -1.93 -18.54 8.88
C PHE A 42 -1.41 -19.93 9.22
N GLY A 43 -2.23 -20.68 9.94
CA GLY A 43 -1.85 -22.00 10.43
C GLY A 43 -0.87 -21.92 11.57
N GLN A 44 -0.97 -20.87 12.40
CA GLN A 44 -0.08 -20.76 13.55
C GLN A 44 -0.73 -20.04 14.72
N LYS A 45 -0.69 -20.67 15.89
CA LYS A 45 -1.28 -20.10 17.11
C LYS A 45 -0.28 -19.28 17.91
N GLY A 46 -0.71 -18.12 18.37
CA GLY A 46 0.04 -17.42 19.40
C GLY A 46 0.99 -16.32 18.94
N LYS A 47 2.23 -16.42 19.41
CA LYS A 47 3.21 -15.35 19.25
C LYS A 47 3.51 -15.02 17.78
N ALA A 48 3.29 -15.99 16.89
CA ALA A 48 3.48 -15.78 15.45
C ALA A 48 2.62 -14.63 14.93
N ILE A 49 1.49 -14.41 15.61
CA ILE A 49 0.49 -13.45 15.20
C ILE A 49 0.40 -12.30 16.19
N ARG A 50 0.47 -11.08 15.66
CA ARG A 50 0.37 -9.89 16.48
C ARG A 50 -0.78 -9.00 15.99
N ILE A 51 -1.62 -8.58 16.92
CA ILE A 51 -2.77 -7.74 16.56
C ILE A 51 -2.66 -6.39 17.25
N GLU A 52 -2.82 -5.31 16.49
CA GLU A 52 -2.79 -3.96 17.03
C GLU A 52 -4.14 -3.29 16.82
N ARG A 53 -4.76 -2.85 17.91
CA ARG A 53 -5.96 -2.05 17.79
C ARG A 53 -5.61 -0.67 17.31
N VAL A 54 -6.27 -0.19 16.26
CA VAL A 54 -6.08 1.20 15.90
C VAL A 54 -7.44 1.87 15.94
N ILE A 55 -7.45 3.18 16.10
CA ILE A 55 -8.68 3.92 16.34
C ILE A 55 -8.91 4.96 15.28
N TYR A 56 -10.05 4.90 14.61
CA TYR A 56 -10.36 5.85 13.56
C TYR A 56 -10.75 7.21 14.13
N THR A 57 -10.02 8.25 13.76
CA THR A 57 -10.27 9.58 14.28
C THR A 57 -10.75 10.51 13.19
N GLY A 58 -10.48 10.17 11.94
CA GLY A 58 -10.96 10.98 10.82
C GLY A 58 -10.25 12.30 10.70
N LYS A 59 -9.20 12.49 11.49
CA LYS A 59 -8.40 13.71 11.42
C LYS A 59 -7.00 13.36 10.93
N GLU A 60 -6.61 14.02 9.84
CA GLU A 60 -5.47 13.61 9.05
C GLU A 60 -4.15 14.22 9.48
N GLY A 61 -3.18 13.38 9.81
CA GLY A 61 -1.84 13.86 10.07
C GLY A 61 -1.14 14.26 8.80
N LYS A 62 -0.61 15.48 8.76
CA LYS A 62 0.13 15.99 7.62
C LYS A 62 1.06 17.13 8.04
N SER A 63 2.08 17.36 7.23
CA SER A 63 3.03 18.43 7.51
C SER A 63 2.40 19.79 7.20
N SER A 64 3.05 20.86 7.65
CA SER A 64 2.55 22.20 7.42
C SER A 64 2.39 22.47 5.91
N GLN A 65 3.17 21.78 5.08
CA GLN A 65 3.05 21.91 3.62
C GLN A 65 2.04 20.94 3.00
N GLY A 66 1.38 20.12 3.82
CA GLY A 66 0.38 19.18 3.33
C GLY A 66 0.92 17.80 2.92
N CYS A 67 2.09 17.43 3.42
CA CYS A 67 2.77 16.19 3.00
C CYS A 67 2.74 15.13 4.10
N PRO A 68 2.91 13.83 3.75
CA PRO A 68 2.67 12.77 4.74
C PRO A 68 3.63 12.77 5.91
N ILE A 69 3.14 12.33 7.07
CA ILE A 69 3.96 12.22 8.26
C ILE A 69 3.46 11.04 9.04
N ALA A 70 4.33 10.48 9.87
CA ALA A 70 3.92 9.43 10.77
C ALA A 70 3.94 9.95 12.19
N LYS A 71 3.04 9.47 13.03
CA LYS A 71 3.03 9.88 14.42
C LYS A 71 3.40 8.70 15.29
N TRP A 72 3.10 7.51 14.78
CA TRP A 72 3.47 6.28 15.47
C TRP A 72 3.94 5.29 14.43
N VAL A 73 4.96 4.49 14.75
CA VAL A 73 5.41 3.45 13.83
C VAL A 73 5.25 2.08 14.45
N VAL A 74 4.46 1.23 13.82
CA VAL A 74 4.38 -0.15 14.24
C VAL A 74 5.55 -0.90 13.63
N ARG A 75 6.39 -1.48 14.49
CA ARG A 75 7.59 -2.15 13.99
C ARG A 75 7.57 -3.60 14.42
N ARG A 76 8.10 -4.46 13.56
CA ARG A 76 8.17 -5.89 13.85
C ARG A 76 8.89 -6.10 15.18
N SER A 77 8.25 -6.80 16.12
CA SER A 77 8.73 -6.86 17.49
C SER A 77 9.87 -7.85 17.67
N SER A 78 9.75 -8.99 17.00
CA SER A 78 10.74 -10.06 17.04
C SER A 78 10.80 -10.83 15.72
N SER A 79 11.80 -11.70 15.57
CA SER A 79 11.82 -12.60 14.43
C SER A 79 10.72 -13.62 14.62
N GLU A 80 10.24 -13.75 15.84
CA GLU A 80 9.14 -14.68 16.14
C GLU A 80 7.80 -14.17 15.62
N GLU A 81 7.67 -12.85 15.48
CA GLU A 81 6.43 -12.28 14.95
C GLU A 81 6.37 -12.53 13.44
N LYS A 82 5.33 -13.20 12.97
CA LYS A 82 5.23 -13.53 11.55
C LYS A 82 4.13 -12.73 10.86
N LEU A 83 3.05 -12.47 11.58
CA LEU A 83 1.90 -11.83 10.97
C LEU A 83 1.37 -10.67 11.79
N LEU A 84 1.37 -9.48 11.19
CA LEU A 84 0.81 -8.28 11.81
C LEU A 84 -0.57 -7.96 11.26
N CYS A 85 -1.54 -7.84 12.16
N CYS A 85 -1.52 -7.79 12.17
CA CYS A 85 -2.88 -7.42 11.79
CA CYS A 85 -2.90 -7.46 11.78
C CYS A 85 -3.27 -6.14 12.51
C CYS A 85 -3.37 -6.19 12.51
N LEU A 86 -3.82 -5.19 11.76
CA LEU A 86 -4.39 -3.96 12.34
C LEU A 86 -5.91 -4.08 12.30
N VAL A 87 -6.55 -3.93 13.45
CA VAL A 87 -7.99 -4.12 13.53
C VAL A 87 -8.60 -2.84 14.05
N ARG A 88 -9.82 -2.57 13.60
CA ARG A 88 -10.53 -1.43 14.11
C ARG A 88 -11.75 -1.96 14.87
N GLU A 89 -11.88 -1.56 16.13
CA GLU A 89 -13.11 -1.82 16.87
C GLU A 89 -14.12 -0.73 16.51
N ARG A 90 -15.23 -1.14 15.92
CA ARG A 90 -16.18 -0.17 15.40
C ARG A 90 -16.96 0.54 16.51
N ALA A 91 -16.75 1.85 16.57
CA ALA A 91 -17.35 2.70 17.59
C ALA A 91 -18.86 2.51 17.66
N GLY A 92 -19.30 1.93 18.78
CA GLY A 92 -20.72 1.78 19.05
C GLY A 92 -21.32 0.62 18.32
N HIS A 93 -20.64 -0.53 18.35
CA HIS A 93 -21.19 -1.75 17.75
C HIS A 93 -20.98 -2.95 18.66
N THR A 94 -21.94 -3.86 18.62
CA THR A 94 -21.97 -5.05 19.50
C THR A 94 -22.34 -6.30 18.71
N CYS A 95 -22.28 -6.20 17.39
CA CYS A 95 -22.73 -7.25 16.48
C CYS A 95 -21.60 -8.20 16.05
N GLU A 96 -21.87 -9.05 15.07
CA GLU A 96 -20.89 -10.06 14.67
C GLU A 96 -19.80 -9.53 13.71
N ALA A 97 -19.88 -8.25 13.39
CA ALA A 97 -18.82 -7.60 12.62
C ALA A 97 -18.43 -6.33 13.32
N ALA A 98 -18.35 -6.39 14.65
CA ALA A 98 -18.05 -5.21 15.46
C ALA A 98 -16.57 -4.79 15.32
N VAL A 99 -15.71 -5.79 15.09
CA VAL A 99 -14.28 -5.54 14.85
C VAL A 99 -13.92 -5.98 13.43
N ILE A 100 -13.27 -5.11 12.66
CA ILE A 100 -12.85 -5.51 11.33
C ILE A 100 -11.33 -5.38 11.15
N VAL A 101 -10.79 -6.22 10.29
CA VAL A 101 -9.39 -6.14 9.84
C VAL A 101 -9.21 -5.02 8.80
N ILE A 102 -8.27 -4.11 9.01
CA ILE A 102 -7.99 -3.12 7.97
C ILE A 102 -6.57 -3.27 7.36
N LEU A 103 -5.69 -4.02 7.99
CA LEU A 103 -4.38 -4.25 7.37
C LEU A 103 -3.75 -5.55 7.84
N ILE A 104 -3.17 -6.28 6.89
CA ILE A 104 -2.47 -7.53 7.18
C ILE A 104 -1.06 -7.40 6.62
N LEU A 105 -0.06 -7.74 7.42
CA LEU A 105 1.30 -7.63 6.98
C LEU A 105 1.97 -8.94 7.32
N VAL A 106 2.43 -9.66 6.30
CA VAL A 106 3.21 -10.86 6.59
C VAL A 106 4.69 -10.50 6.39
N TRP A 107 5.45 -10.61 7.46
CA TRP A 107 6.83 -10.13 7.47
C TRP A 107 7.69 -10.92 6.48
N GLU A 108 7.59 -12.25 6.52
CA GLU A 108 8.36 -13.09 5.61
C GLU A 108 7.47 -13.47 4.44
N GLY A 109 7.30 -12.54 3.52
CA GLY A 109 6.34 -12.69 2.45
C GLY A 109 6.85 -13.52 1.28
N ILE A 110 8.04 -13.18 0.78
CA ILE A 110 8.67 -13.90 -0.31
C ILE A 110 10.07 -14.27 0.12
N PRO A 111 10.70 -15.23 -0.59
CA PRO A 111 12.09 -15.60 -0.26
C PRO A 111 13.07 -14.42 -0.39
N LEU A 112 13.90 -14.25 0.64
CA LEU A 112 14.87 -13.17 0.68
C LEU A 112 15.78 -13.18 -0.54
N SER A 113 16.16 -14.38 -0.99
CA SER A 113 17.04 -14.45 -2.14
C SER A 113 16.32 -13.89 -3.37
N LEU A 114 15.03 -14.16 -3.52
CA LEU A 114 14.29 -13.57 -4.65
C LEU A 114 14.03 -12.05 -4.50
N ALA A 115 13.88 -11.62 -3.26
CA ALA A 115 13.68 -10.20 -3.00
C ALA A 115 14.96 -9.42 -3.33
N ASP A 116 16.11 -9.95 -2.91
CA ASP A 116 17.41 -9.36 -3.25
C ASP A 116 17.52 -9.21 -4.74
N LYS A 117 17.18 -10.27 -5.48
CA LYS A 117 17.29 -10.21 -6.95
C LYS A 117 16.33 -9.22 -7.61
N LEU A 118 15.04 -9.26 -7.27
CA LEU A 118 14.10 -8.29 -7.85
C LEU A 118 14.56 -6.87 -7.57
N TYR A 119 15.13 -6.64 -6.40
CA TYR A 119 15.64 -5.30 -6.07
C TYR A 119 16.65 -4.87 -7.14
N SER A 120 17.69 -5.68 -7.33
CA SER A 120 18.71 -5.35 -8.35
C SER A 120 18.13 -5.18 -9.74
N GLU A 121 17.30 -6.14 -10.12
CA GLU A 121 16.84 -6.19 -11.50
C GLU A 121 15.86 -5.09 -11.84
N LEU A 122 14.95 -4.78 -10.94
CA LEU A 122 13.97 -3.73 -11.25
C LEU A 122 14.68 -2.38 -11.24
N THR A 123 15.58 -2.22 -10.28
CA THR A 123 16.30 -0.93 -10.17
C THR A 123 17.04 -0.68 -11.49
N GLU A 124 17.82 -1.67 -11.93
CA GLU A 124 18.57 -1.56 -13.16
C GLU A 124 17.66 -1.39 -14.37
N THR A 125 16.62 -2.22 -14.46
CA THR A 125 15.74 -2.13 -15.62
C THR A 125 14.96 -0.82 -15.73
N LEU A 126 14.35 -0.38 -14.63
CA LEU A 126 13.51 0.82 -14.71
C LEU A 126 14.33 2.09 -14.95
N ARG A 127 15.56 2.13 -14.48
N ARG A 127 15.52 2.09 -14.36
CA ARG A 127 16.37 3.33 -14.69
CA ARG A 127 16.58 3.05 -14.62
C ARG A 127 16.77 3.50 -16.16
C ARG A 127 16.72 3.43 -16.09
N LYS A 128 17.00 2.40 -16.87
CA LYS A 128 17.43 2.51 -18.27
C LYS A 128 16.30 2.62 -19.29
N TYR A 129 15.18 1.97 -19.00
CA TYR A 129 14.11 1.88 -20.00
C TYR A 129 12.75 2.28 -19.45
N GLY A 130 12.69 2.56 -18.15
CA GLY A 130 11.43 2.88 -17.51
C GLY A 130 10.84 4.21 -17.93
N THR A 131 9.57 4.20 -18.34
CA THR A 131 8.83 5.43 -18.57
C THR A 131 7.84 5.68 -17.43
N LEU A 132 8.04 6.77 -16.70
CA LEU A 132 7.28 6.96 -15.48
C LEU A 132 5.83 7.34 -15.75
N THR A 133 5.00 7.02 -14.78
CA THR A 133 3.57 7.26 -14.76
C THR A 133 3.24 8.43 -13.83
N ASN A 134 2.74 9.55 -14.37
CA ASN A 134 2.36 10.69 -13.53
C ASN A 134 1.08 10.40 -12.74
N ARG A 135 1.12 10.63 -11.44
CA ARG A 135 -0.04 10.39 -10.58
C ARG A 135 -0.34 11.61 -9.73
N ARG A 136 -1.61 11.81 -9.43
CA ARG A 136 -2.03 12.94 -8.60
C ARG A 136 -1.36 12.89 -7.24
N CYS A 137 -1.21 11.68 -6.70
CA CYS A 137 -0.70 11.55 -5.35
C CYS A 137 0.83 11.73 -5.29
N ALA A 138 1.44 12.09 -6.41
CA ALA A 138 2.88 12.39 -6.41
C ALA A 138 3.14 13.76 -5.81
N LEU A 139 2.10 14.59 -5.74
CA LEU A 139 2.27 15.96 -5.23
C LEU A 139 1.26 16.25 -4.10
N ASN A 140 1.57 17.26 -3.27
CA ASN A 140 0.59 17.72 -2.27
C ASN A 140 -0.56 18.46 -2.95
N GLU A 141 -1.51 18.95 -2.15
CA GLU A 141 -2.72 19.50 -2.76
C GLU A 141 -2.41 20.80 -3.50
N GLU A 142 -1.45 21.58 -3.01
CA GLU A 142 -1.09 22.84 -3.66
C GLU A 142 -0.23 22.60 -4.88
N ARG A 143 0.32 21.37 -4.96
CA ARG A 143 1.07 20.90 -6.14
C ARG A 143 2.37 21.68 -6.32
N THR A 144 3.01 21.98 -5.20
CA THR A 144 4.24 22.74 -5.24
C THR A 144 5.36 22.08 -4.43
N CYS A 145 5.07 20.99 -3.71
CA CYS A 145 6.12 20.34 -2.92
C CYS A 145 7.19 19.67 -3.79
N ALA A 146 8.26 19.19 -3.16
CA ALA A 146 9.36 18.54 -3.88
C ALA A 146 9.73 17.22 -3.22
N CYS A 147 8.71 16.48 -2.78
CA CYS A 147 8.93 15.27 -1.98
C CYS A 147 9.63 14.14 -2.76
N GLN A 148 9.59 14.21 -4.08
CA GLN A 148 10.26 13.20 -4.91
C GLN A 148 11.69 13.57 -5.21
N GLY A 149 12.09 14.77 -4.81
CA GLY A 149 13.40 15.31 -5.19
C GLY A 149 13.22 16.08 -6.49
N LEU A 150 14.21 16.90 -6.84
CA LEU A 150 14.05 17.86 -7.93
C LEU A 150 14.90 17.51 -9.15
N ASP A 151 15.86 16.61 -8.95
CA ASP A 151 16.64 16.06 -10.05
C ASP A 151 15.79 15.04 -10.82
N PRO A 152 15.48 15.32 -12.10
CA PRO A 152 14.60 14.45 -12.88
C PRO A 152 15.19 13.05 -13.05
N GLU A 153 16.51 12.98 -13.03
CA GLU A 153 17.20 11.73 -13.27
C GLU A 153 17.12 10.81 -12.07
N THR A 154 16.93 11.39 -10.90
CA THR A 154 17.06 10.60 -9.68
C THR A 154 15.81 10.61 -8.82
N CYS A 155 14.83 11.43 -9.19
CA CYS A 155 13.69 11.65 -8.32
C CYS A 155 12.88 10.38 -8.14
N GLY A 156 12.21 10.26 -7.00
CA GLY A 156 11.28 9.16 -6.76
C GLY A 156 10.25 9.10 -7.89
N ALA A 157 9.83 7.91 -8.27
CA ALA A 157 8.88 7.83 -9.36
C ALA A 157 8.01 6.57 -9.30
N SER A 158 6.90 6.64 -10.03
CA SER A 158 5.98 5.51 -10.17
C SER A 158 5.95 4.95 -11.57
N PHE A 159 6.06 3.62 -11.69
CA PHE A 159 5.95 2.98 -13.00
C PHE A 159 4.82 1.95 -13.02
N SER A 160 3.82 2.17 -13.86
CA SER A 160 2.63 1.35 -13.84
C SER A 160 2.60 0.37 -15.00
N PHE A 161 2.30 -0.89 -14.69
CA PHE A 161 2.26 -1.95 -15.68
C PHE A 161 0.94 -2.72 -15.60
N GLY A 162 0.72 -3.61 -16.59
CA GLY A 162 -0.49 -4.40 -16.66
C GLY A 162 -1.65 -3.61 -17.21
N CYS A 163 -2.89 -3.98 -16.85
CA CYS A 163 -4.05 -3.25 -17.37
C CYS A 163 -4.56 -2.17 -16.37
N SER A 164 -5.16 -1.12 -16.89
CA SER A 164 -5.77 -0.10 -16.04
C SER A 164 -7.13 0.23 -16.60
N TRP A 165 -8.07 0.56 -15.71
CA TRP A 165 -9.38 1.06 -16.10
C TRP A 165 -9.25 2.42 -16.75
N SER A 166 -10.13 2.71 -17.70
CA SER A 166 -10.09 3.99 -18.40
C SER A 166 -11.47 4.60 -18.45
N MET A 167 -11.57 5.92 -18.22
CA MET A 167 -12.88 6.58 -18.25
C MET A 167 -13.46 6.65 -19.66
N TYR A 168 -12.59 6.80 -20.66
CA TYR A 168 -13.03 6.94 -22.04
C TYR A 168 -13.76 5.70 -22.52
N TYR A 169 -13.34 4.54 -22.02
CA TYR A 169 -13.95 3.28 -22.42
C TYR A 169 -14.85 2.71 -21.34
N ASN A 170 -14.80 3.31 -20.15
CA ASN A 170 -15.38 2.71 -18.95
C ASN A 170 -14.99 1.24 -18.90
N GLY A 171 -13.73 0.97 -19.22
CA GLY A 171 -13.19 -0.37 -19.25
C GLY A 171 -11.69 -0.30 -19.43
N CYS A 172 -11.05 -1.43 -19.71
CA CYS A 172 -9.61 -1.50 -19.89
C CYS A 172 -9.13 -0.47 -20.89
N LYS A 173 -8.02 0.19 -20.56
CA LYS A 173 -7.39 1.18 -21.43
C LYS A 173 -6.91 0.62 -22.78
N PHE A 174 -6.81 -0.71 -22.87
CA PHE A 174 -6.32 -1.36 -24.09
C PHE A 174 -7.47 -1.79 -24.99
N ALA A 175 -8.63 -1.14 -24.83
CA ALA A 175 -9.80 -1.42 -25.66
C ALA A 175 -9.50 -1.39 -27.16
N ARG A 176 -8.63 -0.48 -27.58
CA ARG A 176 -8.35 -0.30 -29.00
C ARG A 176 -6.95 -0.77 -29.38
N SER A 177 -6.41 -1.74 -28.64
CA SER A 177 -5.03 -2.19 -28.84
C SER A 177 -4.94 -3.60 -29.40
N LYS A 178 -4.50 -3.67 -30.65
CA LYS A 178 -4.31 -4.95 -31.34
C LYS A 178 -3.51 -5.91 -30.47
N ILE A 179 -2.21 -5.63 -30.32
CA ILE A 179 -1.41 -6.35 -29.36
C ILE A 179 -0.88 -5.38 -28.30
N PRO A 180 -1.55 -5.35 -27.13
CA PRO A 180 -1.19 -4.55 -25.94
C PRO A 180 0.19 -4.86 -25.37
N ARG A 181 0.92 -3.80 -25.01
CA ARG A 181 2.18 -4.00 -24.32
C ARG A 181 2.02 -3.70 -22.82
N LYS A 182 1.77 -4.75 -22.05
CA LYS A 182 1.49 -4.60 -20.62
C LYS A 182 2.70 -4.14 -19.83
N PHE A 183 3.90 -4.39 -20.35
CA PHE A 183 5.10 -3.99 -19.63
C PHE A 183 5.95 -3.08 -20.49
N LYS A 184 5.29 -2.03 -20.98
CA LYS A 184 5.88 -1.10 -21.91
C LYS A 184 7.05 -0.32 -21.30
N LEU A 185 8.21 -0.43 -21.95
CA LEU A 185 9.38 0.35 -21.59
C LEU A 185 9.65 1.38 -22.68
N LEU A 186 10.63 2.26 -22.43
CA LEU A 186 11.03 3.30 -23.39
C LEU A 186 11.40 2.73 -24.75
N GLY A 187 10.97 3.43 -25.79
CA GLY A 187 11.22 3.01 -27.15
C GLY A 187 10.61 1.66 -27.44
N ASP A 188 11.42 0.74 -27.94
CA ASP A 188 10.91 -0.56 -28.32
C ASP A 188 12.00 -1.61 -28.22
N ASP A 189 11.99 -2.35 -27.13
CA ASP A 189 13.04 -3.31 -26.84
C ASP A 189 12.44 -4.57 -26.24
N PRO A 190 11.85 -5.41 -27.10
CA PRO A 190 11.03 -6.54 -26.65
C PRO A 190 11.77 -7.49 -25.70
N LYS A 191 13.08 -7.53 -25.77
CA LYS A 191 13.83 -8.45 -24.92
C LYS A 191 13.89 -7.94 -23.48
N GLU A 192 13.88 -6.63 -23.31
CA GLU A 192 13.90 -6.08 -21.96
C GLU A 192 12.49 -6.13 -21.37
N GLU A 193 11.51 -5.80 -22.21
CA GLU A 193 10.12 -5.86 -21.80
C GLU A 193 9.71 -7.26 -21.39
N GLU A 194 10.13 -8.28 -22.13
CA GLU A 194 9.79 -9.65 -21.77
C GLU A 194 10.50 -10.04 -20.48
N LYS A 195 11.68 -9.47 -20.26
CA LYS A 195 12.44 -9.77 -19.06
C LYS A 195 11.72 -9.17 -17.85
N LEU A 196 11.27 -7.93 -18.01
CA LEU A 196 10.48 -7.29 -16.96
C LEU A 196 9.21 -8.11 -16.67
N GLU A 197 8.40 -8.30 -17.72
CA GLU A 197 7.20 -9.16 -17.66
C GLU A 197 7.43 -10.45 -16.89
N SER A 198 8.45 -11.20 -17.29
CA SER A 198 8.75 -12.45 -16.63
C SER A 198 8.93 -12.25 -15.11
N HIS A 199 9.65 -11.21 -14.73
CA HIS A 199 9.84 -10.96 -13.31
C HIS A 199 8.51 -10.71 -12.60
N LEU A 200 7.69 -9.85 -13.17
CA LEU A 200 6.46 -9.41 -12.51
C LEU A 200 5.37 -10.48 -12.61
N GLN A 201 5.32 -11.21 -13.72
CA GLN A 201 4.40 -12.34 -13.83
C GLN A 201 4.76 -13.42 -12.83
N ASN A 202 6.05 -13.74 -12.70
CA ASN A 202 6.47 -14.76 -11.75
C ASN A 202 6.11 -14.35 -10.34
N LEU A 203 6.24 -13.05 -10.06
CA LEU A 203 5.92 -12.52 -8.74
C LEU A 203 4.40 -12.52 -8.51
N SER A 204 3.61 -12.10 -9.51
CA SER A 204 2.16 -12.20 -9.42
C SER A 204 1.73 -13.61 -9.06
N THR A 205 2.37 -14.56 -9.73
CA THR A 205 2.09 -15.98 -9.58
C THR A 205 2.37 -16.44 -8.18
N LEU A 206 3.52 -16.06 -7.65
CA LEU A 206 3.91 -16.47 -6.30
C LEU A 206 3.03 -15.86 -5.18
N MET A 207 2.57 -14.63 -5.39
CA MET A 207 1.84 -13.92 -4.34
C MET A 207 0.37 -14.30 -4.21
N ALA A 208 -0.25 -14.71 -5.31
CA ALA A 208 -1.68 -15.01 -5.32
C ALA A 208 -2.08 -16.09 -4.28
N PRO A 209 -1.32 -17.21 -4.18
CA PRO A 209 -1.58 -18.19 -3.11
C PRO A 209 -1.54 -17.60 -1.68
N THR A 210 -0.63 -16.68 -1.44
CA THR A 210 -0.56 -16.01 -0.14
C THR A 210 -1.78 -15.08 0.08
N TYR A 211 -2.23 -14.42 -0.99
CA TYR A 211 -3.43 -13.59 -0.95
C TYR A 211 -4.64 -14.44 -0.53
N LYS A 212 -4.87 -15.53 -1.26
CA LYS A 212 -5.93 -16.49 -0.93
C LYS A 212 -5.89 -16.95 0.52
N LYS A 213 -4.71 -17.33 0.98
CA LYS A 213 -4.54 -17.87 2.33
C LYS A 213 -4.90 -16.85 3.42
N LEU A 214 -4.46 -15.61 3.24
CA LEU A 214 -4.58 -14.62 4.30
C LEU A 214 -5.78 -13.72 4.16
N ALA A 215 -6.32 -13.58 2.96
CA ALA A 215 -7.52 -12.78 2.78
C ALA A 215 -8.49 -13.42 1.78
N PRO A 216 -9.03 -14.60 2.12
CA PRO A 216 -9.92 -15.42 1.28
C PRO A 216 -11.04 -14.65 0.59
N ASP A 217 -11.77 -13.84 1.34
CA ASP A 217 -12.96 -13.21 0.76
C ASP A 217 -12.59 -12.16 -0.29
N ALA A 218 -11.55 -11.38 -0.02
CA ALA A 218 -11.15 -10.38 -0.98
C ALA A 218 -10.56 -11.07 -2.20
N TYR A 219 -9.75 -12.08 -1.96
CA TYR A 219 -9.18 -12.90 -3.03
C TYR A 219 -10.30 -13.44 -3.91
N ASN A 220 -11.29 -14.08 -3.29
CA ASN A 220 -12.32 -14.73 -4.09
C ASN A 220 -13.13 -13.70 -4.89
N ASN A 221 -13.33 -12.52 -4.32
CA ASN A 221 -13.94 -11.46 -5.10
C ASN A 221 -13.14 -11.15 -6.36
N GLN A 222 -11.82 -11.20 -6.26
CA GLN A 222 -11.02 -10.70 -7.37
C GLN A 222 -10.89 -11.75 -8.49
N ILE A 223 -11.11 -13.02 -8.17
CA ILE A 223 -11.00 -14.05 -9.21
C ILE A 223 -12.34 -14.48 -9.82
N GLU A 224 -13.41 -13.79 -9.46
CA GLU A 224 -14.75 -14.16 -9.92
C GLU A 224 -14.83 -14.26 -11.43
N TYR A 225 -14.12 -13.38 -12.12
CA TYR A 225 -14.24 -13.29 -13.57
C TYR A 225 -12.94 -13.62 -14.29
N GLU A 226 -12.08 -14.38 -13.61
CA GLU A 226 -10.80 -14.82 -14.16
C GLU A 226 -10.96 -15.41 -15.55
N HIS A 227 -11.96 -16.27 -15.73
CA HIS A 227 -12.09 -16.99 -16.99
C HIS A 227 -12.86 -16.18 -18.02
N ARG A 228 -13.55 -15.13 -17.59
CA ARG A 228 -14.22 -14.23 -18.52
C ARG A 228 -13.29 -13.15 -19.12
N ALA A 229 -12.26 -12.74 -18.38
CA ALA A 229 -11.41 -11.68 -18.89
C ALA A 229 -9.90 -11.96 -18.75
N PRO A 230 -9.46 -13.14 -19.21
CA PRO A 230 -8.09 -13.56 -18.92
C PRO A 230 -7.02 -12.59 -19.46
N GLU A 231 -7.35 -11.78 -20.45
CA GLU A 231 -6.39 -10.84 -21.01
C GLU A 231 -6.12 -9.67 -20.06
N CYS A 232 -7.04 -9.43 -19.11
CA CYS A 232 -6.85 -8.37 -18.12
C CYS A 232 -6.42 -8.92 -16.77
N ARG A 233 -5.80 -10.08 -16.77
CA ARG A 233 -5.25 -10.60 -15.51
C ARG A 233 -3.76 -10.88 -15.67
N LEU A 234 -3.03 -10.79 -14.55
CA LEU A 234 -1.64 -11.19 -14.47
C LEU A 234 -1.58 -12.60 -13.95
N GLY A 235 -0.39 -13.19 -13.98
CA GLY A 235 -0.17 -14.46 -13.30
C GLY A 235 -0.15 -15.64 -14.26
N LEU A 236 0.50 -16.73 -13.84
CA LEU A 236 0.83 -17.86 -14.73
C LEU A 236 0.11 -19.17 -14.39
N LYS A 237 -0.82 -19.12 -13.45
CA LYS A 237 -1.41 -20.32 -12.90
C LYS A 237 -2.84 -19.96 -12.55
N GLU A 238 -3.71 -20.96 -12.47
CA GLU A 238 -5.11 -20.72 -12.09
C GLU A 238 -5.14 -19.93 -10.79
N GLY A 239 -6.04 -18.96 -10.69
CA GLY A 239 -6.09 -18.13 -9.50
C GLY A 239 -5.35 -16.82 -9.77
N ARG A 240 -6.00 -15.92 -10.47
CA ARG A 240 -5.33 -14.73 -10.95
C ARG A 240 -6.08 -13.50 -10.50
N PRO A 241 -5.90 -13.12 -9.22
CA PRO A 241 -6.62 -11.95 -8.66
C PRO A 241 -6.12 -10.59 -9.17
N PHE A 242 -4.90 -10.51 -9.70
CA PHE A 242 -4.35 -9.21 -10.10
C PHE A 242 -4.53 -8.86 -11.56
N SER A 243 -4.64 -7.57 -11.80
CA SER A 243 -4.82 -7.06 -13.13
C SER A 243 -3.75 -6.00 -13.48
N GLY A 244 -3.36 -5.19 -12.49
CA GLY A 244 -2.40 -4.12 -12.74
C GLY A 244 -1.28 -4.16 -11.72
N VAL A 245 -0.12 -3.60 -12.05
CA VAL A 245 0.94 -3.59 -11.06
C VAL A 245 1.74 -2.30 -11.24
N THR A 246 2.04 -1.65 -10.12
CA THR A 246 2.76 -0.37 -10.13
C THR A 246 4.01 -0.55 -9.30
N ALA A 247 5.14 -0.08 -9.83
CA ALA A 247 6.39 -0.13 -9.10
C ALA A 247 6.73 1.30 -8.64
N CYS A 248 6.98 1.46 -7.34
CA CYS A 248 7.24 2.76 -6.71
C CYS A 248 8.66 2.80 -6.16
N LEU A 249 9.51 3.65 -6.75
CA LEU A 249 10.91 3.71 -6.35
C LEU A 249 11.20 5.03 -5.61
N ASP A 250 11.47 4.96 -4.31
CA ASP A 250 11.59 6.16 -3.46
C ASP A 250 10.47 7.17 -3.74
N PHE A 251 9.27 6.64 -3.95
CA PHE A 251 8.13 7.44 -4.31
C PHE A 251 7.36 7.86 -3.06
N CYS A 252 7.12 9.16 -2.92
CA CYS A 252 6.31 9.65 -1.81
C CYS A 252 4.85 9.75 -2.29
N ALA A 253 4.01 8.83 -1.83
CA ALA A 253 2.60 8.82 -2.23
C ALA A 253 1.84 9.67 -1.21
N HIS A 254 1.38 10.83 -1.67
CA HIS A 254 0.64 11.73 -0.76
C HIS A 254 -0.69 11.09 -0.44
N ALA A 255 -1.27 11.49 0.69
CA ALA A 255 -2.51 10.88 1.20
C ALA A 255 -3.53 10.77 0.09
N HIS A 256 -4.03 9.55 -0.12
CA HIS A 256 -4.99 9.31 -1.20
C HIS A 256 -5.69 8.01 -0.95
N ARG A 257 -6.71 7.79 -1.76
CA ARG A 257 -7.36 6.51 -1.88
C ARG A 257 -7.24 6.14 -3.37
N ASP A 258 -7.22 4.84 -3.66
CA ASP A 258 -7.11 4.42 -5.05
C ASP A 258 -8.51 4.18 -5.62
N LEU A 259 -9.09 5.26 -6.10
CA LEU A 259 -10.51 5.32 -6.44
C LEU A 259 -10.93 4.37 -7.55
N HIS A 260 -10.00 4.03 -8.44
CA HIS A 260 -10.28 3.20 -9.62
C HIS A 260 -10.30 1.75 -9.28
N ASN A 261 -9.78 1.39 -8.10
CA ASN A 261 -9.72 -0.01 -7.72
C ASN A 261 -11.12 -0.57 -7.61
N MET A 262 -11.25 -1.87 -7.78
CA MET A 262 -12.58 -2.50 -7.73
C MET A 262 -13.14 -2.56 -6.30
N GLN A 263 -14.46 -2.47 -6.19
CA GLN A 263 -15.11 -2.55 -4.89
C GLN A 263 -14.90 -3.95 -4.31
N ASN A 264 -14.68 -4.03 -3.00
CA ASN A 264 -14.51 -5.30 -2.28
C ASN A 264 -13.29 -6.08 -2.66
N GLY A 265 -12.27 -5.36 -3.12
CA GLY A 265 -10.98 -5.96 -3.36
C GLY A 265 -9.99 -5.40 -2.36
N SER A 266 -8.72 -5.67 -2.59
CA SER A 266 -7.70 -5.05 -1.81
C SER A 266 -6.46 -4.92 -2.65
N THR A 267 -5.42 -4.36 -2.03
CA THR A 267 -4.16 -4.14 -2.68
C THR A 267 -3.12 -4.98 -1.97
N LEU A 268 -2.21 -5.61 -2.73
CA LEU A 268 -1.08 -6.30 -2.10
C LEU A 268 0.21 -5.55 -2.43
N VAL A 269 1.01 -5.28 -1.41
CA VAL A 269 2.20 -4.48 -1.63
C VAL A 269 3.43 -5.29 -1.25
N CYS A 270 4.28 -5.58 -2.22
CA CYS A 270 5.51 -6.28 -1.91
C CYS A 270 6.64 -5.27 -1.76
N THR A 271 7.33 -5.31 -0.63
CA THR A 271 8.36 -4.31 -0.33
C THR A 271 9.78 -4.85 -0.50
N LEU A 272 10.63 -4.09 -1.19
CA LEU A 272 12.06 -4.38 -1.33
C LEU A 272 12.83 -3.17 -0.80
N THR A 273 13.88 -3.43 -0.02
CA THR A 273 14.65 -2.34 0.55
C THR A 273 16.12 -2.39 0.11
N ARG A 274 16.75 -1.21 0.11
CA ARG A 274 18.19 -1.07 -0.12
C ARG A 274 18.97 -2.00 0.81
N GLU A 275 20.18 -2.40 0.39
CA GLU A 275 20.97 -3.42 1.12
C GLU A 275 21.37 -3.05 2.55
N ASP A 276 21.26 -1.78 2.90
CA ASP A 276 21.60 -1.41 4.28
C ASP A 276 20.45 -1.67 5.24
N ASN A 277 19.30 -2.13 4.73
CA ASN A 277 18.11 -2.28 5.56
C ASN A 277 17.48 -3.66 5.39
N ARG A 278 18.30 -4.70 5.55
CA ARG A 278 17.86 -6.05 5.25
C ARG A 278 18.11 -7.03 6.40
N GLU A 279 18.37 -6.51 7.59
CA GLU A 279 18.53 -7.37 8.76
C GLU A 279 17.62 -6.91 9.90
N PHE A 280 17.06 -7.85 10.64
CA PHE A 280 16.19 -7.49 11.78
C PHE A 280 16.96 -6.69 12.81
N GLY A 281 16.36 -5.59 13.26
CA GLY A 281 16.95 -4.75 14.29
C GLY A 281 17.97 -3.71 13.80
N GLY A 282 18.40 -3.82 12.54
CA GLY A 282 19.41 -2.94 11.98
C GLY A 282 19.12 -1.45 11.98
N LYS A 283 20.13 -0.67 11.61
CA LYS A 283 20.10 0.78 11.74
C LYS A 283 20.29 1.47 10.38
N PRO A 284 19.20 1.63 9.62
CA PRO A 284 19.37 2.19 8.28
C PRO A 284 19.43 3.72 8.27
N GLU A 285 20.23 4.26 7.35
CA GLU A 285 20.39 5.71 7.22
C GLU A 285 19.03 6.39 7.00
N ASP A 286 18.26 5.85 6.07
CA ASP A 286 16.91 6.33 5.79
C ASP A 286 15.95 5.16 5.69
N GLU A 287 14.67 5.47 5.55
CA GLU A 287 13.63 4.47 5.69
C GLU A 287 12.31 5.05 5.22
N GLN A 288 11.56 4.30 4.41
CA GLN A 288 10.23 4.77 4.01
C GLN A 288 9.16 4.03 4.80
N LEU A 289 8.11 4.75 5.19
CA LEU A 289 7.03 4.15 5.98
C LEU A 289 5.72 4.17 5.19
N HIS A 290 4.84 3.24 5.53
CA HIS A 290 3.50 3.21 4.98
C HIS A 290 2.54 3.70 6.05
N VAL A 291 1.77 4.76 5.76
CA VAL A 291 1.00 5.47 6.78
C VAL A 291 -0.52 5.47 6.53
N LEU A 292 -1.28 5.27 7.60
CA LEU A 292 -2.73 5.49 7.62
C LEU A 292 -3.02 6.75 8.45
N PRO A 293 -3.12 7.89 7.78
CA PRO A 293 -3.22 9.21 8.44
C PRO A 293 -4.49 9.49 9.27
N LEU A 294 -5.52 8.66 9.22
CA LEU A 294 -6.75 8.91 9.99
C LEU A 294 -6.91 8.03 11.21
N TYR A 295 -5.82 7.36 11.60
CA TYR A 295 -5.87 6.50 12.75
C TYR A 295 -4.86 6.90 13.80
N LYS A 296 -5.16 6.50 15.04
CA LYS A 296 -4.23 6.60 16.14
C LYS A 296 -4.14 5.24 16.81
N VAL A 297 -3.12 5.05 17.62
CA VAL A 297 -2.97 3.78 18.31
C VAL A 297 -3.80 3.77 19.59
N SER A 298 -4.14 2.56 20.03
CA SER A 298 -4.87 2.36 21.28
C SER A 298 -3.96 2.63 22.50
N ASP A 299 -4.58 2.80 23.68
CA ASP A 299 -3.85 2.88 24.94
C ASP A 299 -3.63 1.46 25.46
N VAL A 300 -4.19 0.51 24.74
CA VAL A 300 -4.32 -0.85 25.21
C VAL A 300 -3.79 -1.81 24.14
N ASP A 301 -3.31 -2.99 24.55
CA ASP A 301 -2.77 -3.97 23.60
C ASP A 301 -3.87 -4.87 23.06
N GLU A 302 -3.50 -5.89 22.30
CA GLU A 302 -4.47 -6.81 21.73
C GLU A 302 -5.40 -7.39 22.80
N PHE A 303 -4.82 -7.75 23.95
CA PHE A 303 -5.58 -8.50 24.95
C PHE A 303 -6.16 -7.61 26.04
N GLY A 304 -6.04 -6.29 25.88
CA GLY A 304 -6.72 -5.36 26.75
C GLY A 304 -5.87 -4.66 27.80
N SER A 305 -4.60 -5.02 27.88
CA SER A 305 -3.72 -4.52 28.94
C SER A 305 -3.07 -3.19 28.57
N VAL A 306 -3.10 -2.24 29.49
CA VAL A 306 -2.44 -0.95 29.29
C VAL A 306 -0.92 -1.10 29.39
N GLU A 307 -0.48 -1.96 30.30
CA GLU A 307 0.94 -2.06 30.63
C GLU A 307 1.66 -2.77 29.49
N ALA A 308 1.01 -3.79 28.91
CA ALA A 308 1.57 -4.48 27.74
C ALA A 308 1.78 -3.50 26.59
N GLN A 309 0.86 -2.56 26.45
CA GLN A 309 0.97 -1.57 25.40
C GLN A 309 2.10 -0.56 25.72
N GLU A 310 2.35 -0.30 26.99
CA GLU A 310 3.41 0.63 27.37
C GLU A 310 4.77 -0.03 27.18
N GLU A 311 4.83 -1.34 27.39
CA GLU A 311 6.05 -2.09 27.15
C GLU A 311 6.46 -1.98 25.68
N LYS A 312 5.50 -2.13 24.78
CA LYS A 312 5.76 -2.06 23.34
C LYS A 312 6.28 -0.69 22.97
N LYS A 313 5.74 0.36 23.59
CA LYS A 313 6.24 1.70 23.31
C LYS A 313 7.70 1.84 23.72
N ARG A 314 8.09 1.18 24.81
CA ARG A 314 9.46 1.27 25.32
C ARG A 314 10.42 0.32 24.59
N SER A 315 9.94 -0.86 24.23
CA SER A 315 10.74 -1.79 23.44
C SER A 315 10.97 -1.25 22.03
N GLY A 316 10.06 -0.40 21.56
CA GLY A 316 10.14 0.14 20.21
C GLY A 316 9.25 -0.56 19.20
N ALA A 317 8.49 -1.56 19.65
CA ALA A 317 7.54 -2.24 18.78
C ALA A 317 6.44 -1.27 18.38
N ILE A 318 6.23 -0.26 19.22
CA ILE A 318 5.48 0.92 18.81
C ILE A 318 6.31 2.16 19.10
N GLN A 319 6.81 2.77 18.04
CA GLN A 319 7.67 3.92 18.17
C GLN A 319 6.80 5.18 18.21
N VAL A 320 6.89 5.94 19.31
CA VAL A 320 6.17 7.20 19.41
C VAL A 320 7.05 8.31 18.92
N LEU A 321 6.67 8.91 17.81
CA LEU A 321 7.50 9.92 17.20
C LEU A 321 7.18 11.28 17.83
N SER A 322 8.01 12.26 17.53
CA SER A 322 7.77 13.60 18.03
C SER A 322 7.81 14.59 16.86
N SER A 323 7.31 15.79 17.13
CA SER A 323 7.31 16.88 16.16
C SER A 323 8.70 17.20 15.63
N PHE A 324 8.75 17.85 14.47
CA PHE A 324 10.01 18.14 13.81
C PHE A 324 9.95 19.42 12.96
N ARG A 325 11.02 20.20 12.98
CA ARG A 325 11.17 21.30 12.04
C ARG A 325 12.29 20.96 11.10
N ARG A 326 12.00 21.07 9.81
CA ARG A 326 12.98 20.75 8.79
C ARG A 326 12.74 21.65 7.61
N LYS A 327 13.76 21.79 6.76
CA LYS A 327 13.63 22.61 5.58
C LYS A 327 13.36 21.73 4.36
N VAL A 328 12.51 22.19 3.48
CA VAL A 328 12.12 21.45 2.30
C VAL A 328 12.01 22.47 1.17
N ARG A 329 12.05 22.01 -0.07
CA ARG A 329 11.85 22.94 -1.18
C ARG A 329 10.38 23.08 -1.57
N MET A 330 10.03 24.25 -2.11
CA MET A 330 8.69 24.49 -2.64
C MET A 330 8.80 25.18 -3.97
N LEU A 331 8.26 24.55 -5.01
CA LEU A 331 8.27 25.11 -6.35
C LEU A 331 7.64 26.48 -6.38
N ALA A 332 8.18 27.38 -7.19
CA ALA A 332 7.68 28.74 -7.29
C ALA A 332 6.32 28.74 -7.96
N GLU A 333 6.11 27.69 -8.75
CA GLU A 333 4.99 27.63 -9.66
C GLU A 333 4.39 26.22 -9.60
N PRO A 334 3.06 26.11 -9.42
CA PRO A 334 2.54 24.75 -9.24
C PRO A 334 2.68 23.89 -10.51
N VAL A 335 2.85 22.60 -10.32
CA VAL A 335 2.83 21.68 -11.45
C VAL A 335 1.47 21.70 -12.11
N LYS A 336 1.43 21.86 -13.44
CA LYS A 336 0.17 21.99 -14.18
C LYS A 336 -0.60 20.68 -14.35
N THR A 337 -1.78 20.79 -14.99
CA THR A 337 -2.33 19.70 -15.79
C THR A 337 -3.43 20.22 -16.71
N CYS A 338 -3.21 19.97 -18.00
CA CYS A 338 -4.03 20.49 -19.07
C CYS A 338 -3.34 20.15 -20.37
N GLY A 368 11.90 27.33 -10.85
CA GLY A 368 12.76 27.48 -9.69
C GLY A 368 12.02 27.28 -8.38
N SER A 369 12.75 27.21 -7.27
CA SER A 369 12.10 26.96 -5.98
C SER A 369 12.75 27.73 -4.85
N ASP A 370 12.09 27.73 -3.69
CA ASP A 370 12.63 28.37 -2.50
C ASP A 370 12.62 27.45 -1.30
N GLU A 371 13.54 27.69 -0.37
CA GLU A 371 13.60 26.94 0.88
C GLU A 371 12.45 27.38 1.77
N VAL A 372 11.85 26.44 2.49
CA VAL A 372 10.74 26.76 3.40
C VAL A 372 10.78 25.84 4.62
N TRP A 373 10.42 26.37 5.77
CA TRP A 373 10.43 25.60 7.01
C TRP A 373 9.16 24.76 7.15
N SER A 374 9.32 23.44 7.03
CA SER A 374 8.21 22.52 7.23
C SER A 374 8.19 21.99 8.66
N ASP A 375 7.01 21.73 9.18
CA ASP A 375 6.86 21.38 10.58
C ASP A 375 5.65 20.48 10.71
N SER A 376 5.55 19.79 11.85
CA SER A 376 4.44 18.91 12.12
C SER A 376 3.90 19.15 13.50
N GLU A 377 4.29 20.28 14.11
CA GLU A 377 3.90 20.56 15.50
C GLU A 377 2.41 20.47 15.72
N GLN A 378 1.65 21.02 14.77
CA GLN A 378 0.20 21.01 14.90
C GLN A 378 -0.37 19.59 14.93
N SER A 379 0.14 18.72 14.05
CA SER A 379 -0.33 17.33 14.01
C SER A 379 -0.06 16.65 15.34
N PHE A 380 1.10 16.92 15.92
CA PHE A 380 1.49 16.26 17.16
C PHE A 380 0.80 16.83 18.40
N LEU A 381 0.34 18.08 18.33
CA LEU A 381 -0.30 18.70 19.50
C LEU A 381 -1.64 18.03 19.82
N ASP A 382 -2.36 17.65 18.77
CA ASP A 382 -3.67 17.05 18.94
C ASP A 382 -3.53 15.53 18.98
N PRO A 383 -3.88 14.90 20.11
CA PRO A 383 -3.76 13.46 20.26
C PRO A 383 -4.67 12.67 19.32
N ASP A 384 -5.63 13.36 18.70
CA ASP A 384 -6.60 12.71 17.83
C ASP A 384 -6.34 13.01 16.36
N ILE A 385 -5.23 13.65 16.06
CA ILE A 385 -4.81 13.71 14.67
C ILE A 385 -4.00 12.44 14.43
N GLY A 386 -4.29 11.77 13.32
CA GLY A 386 -3.78 10.44 13.10
C GLY A 386 -2.46 10.35 12.36
N GLY A 387 -2.03 9.13 12.07
CA GLY A 387 -0.76 8.90 11.40
C GLY A 387 -0.13 7.64 11.95
N VAL A 388 -0.86 6.54 11.85
CA VAL A 388 -0.33 5.25 12.24
C VAL A 388 0.40 4.69 11.03
N ALA A 389 1.67 4.37 11.22
CA ALA A 389 2.49 3.86 10.12
C ALA A 389 3.03 2.48 10.43
N VAL A 390 3.30 1.70 9.39
CA VAL A 390 4.04 0.45 9.56
C VAL A 390 5.36 0.59 8.84
N ALA A 391 6.37 -0.11 9.33
CA ALA A 391 7.69 -0.15 8.68
C ALA A 391 7.87 -1.53 8.04
N PRO A 392 7.43 -1.67 6.79
CA PRO A 392 7.47 -2.95 6.08
C PRO A 392 8.88 -3.30 5.68
N THR A 393 9.26 -4.55 5.93
CA THR A 393 10.61 -5.03 5.70
C THR A 393 10.84 -5.59 4.30
N HIS A 394 12.11 -5.84 3.97
CA HIS A 394 12.52 -6.48 2.73
C HIS A 394 11.80 -7.81 2.56
N GLY A 395 11.08 -7.97 1.46
CA GLY A 395 10.39 -9.21 1.21
C GLY A 395 9.05 -9.37 1.91
N SER A 396 8.60 -8.33 2.63
CA SER A 396 7.31 -8.42 3.31
C SER A 396 6.15 -8.20 2.35
N ILE A 397 4.97 -8.66 2.74
CA ILE A 397 3.77 -8.45 1.95
C ILE A 397 2.68 -7.81 2.81
N LEU A 398 2.14 -6.70 2.31
CA LEU A 398 1.15 -5.90 3.00
C LEU A 398 -0.15 -5.89 2.20
N ILE A 399 -1.26 -6.21 2.88
CA ILE A 399 -2.59 -6.25 2.27
C ILE A 399 -3.52 -5.19 2.90
N GLU A 400 -4.09 -4.29 2.11
CA GLU A 400 -5.03 -3.34 2.67
C GLU A 400 -6.07 -2.97 1.62
N CYS A 401 -7.22 -2.47 2.06
CA CYS A 401 -8.22 -1.98 1.12
C CYS A 401 -7.96 -0.52 0.79
N ALA A 402 -7.05 -0.34 -0.16
CA ALA A 402 -6.59 0.95 -0.61
C ALA A 402 -7.70 1.80 -1.25
N LYS A 403 -8.76 1.16 -1.72
CA LYS A 403 -9.88 1.93 -2.26
C LYS A 403 -10.61 2.69 -1.15
N ARG A 404 -10.71 2.06 0.02
CA ARG A 404 -11.48 2.59 1.15
C ARG A 404 -10.65 3.40 2.17
N GLU A 405 -9.50 2.87 2.60
CA GLU A 405 -8.68 3.56 3.59
C GLU A 405 -7.76 4.65 2.99
N LEU A 406 -7.73 5.82 3.62
CA LEU A 406 -6.77 6.86 3.23
C LEU A 406 -5.38 6.31 3.55
N HIS A 407 -4.43 6.44 2.62
CA HIS A 407 -3.09 5.91 2.92
C HIS A 407 -2.02 6.71 2.19
N ALA A 408 -0.78 6.56 2.63
CA ALA A 408 0.32 7.41 2.20
C ALA A 408 1.66 6.75 2.50
N THR A 409 2.70 7.21 1.80
CA THR A 409 4.06 6.82 2.15
C THR A 409 4.90 8.06 2.42
N THR A 410 5.86 7.95 3.33
CA THR A 410 6.67 9.10 3.75
C THR A 410 7.78 9.43 2.79
N PRO A 411 8.06 10.73 2.65
CA PRO A 411 9.07 11.15 1.68
C PRO A 411 10.46 10.74 2.16
N LEU A 412 11.34 10.37 1.24
CA LEU A 412 12.70 9.97 1.66
C LEU A 412 13.52 11.24 1.89
N LYS A 413 14.52 11.15 2.77
CA LYS A 413 15.44 12.28 2.98
C LYS A 413 16.13 12.70 1.69
N ASN A 414 16.65 11.71 0.96
N ASN A 414 16.62 11.71 0.95
CA ASN A 414 17.35 11.95 -0.30
CA ASN A 414 17.34 11.96 -0.30
C ASN A 414 16.93 10.94 -1.36
C ASN A 414 16.94 10.96 -1.37
N PRO A 415 15.79 11.17 -2.01
CA PRO A 415 15.28 10.22 -3.00
C PRO A 415 16.27 9.98 -4.16
N ASN A 416 16.45 8.72 -4.52
CA ASN A 416 17.35 8.30 -5.58
C ASN A 416 16.83 7.00 -6.19
N ARG A 417 16.09 7.08 -7.29
CA ARG A 417 15.52 5.86 -7.83
C ARG A 417 16.61 4.96 -8.46
N ASN A 418 17.83 5.45 -8.59
CA ASN A 418 18.96 4.65 -9.11
C ASN A 418 19.57 3.69 -8.10
N HIS A 419 19.18 3.88 -6.85
CA HIS A 419 19.59 3.04 -5.75
C HIS A 419 18.57 3.30 -4.63
N PRO A 420 17.31 2.93 -4.88
CA PRO A 420 16.24 3.42 -3.99
C PRO A 420 16.29 2.81 -2.60
N THR A 421 15.90 3.61 -1.63
CA THR A 421 15.80 3.13 -0.26
C THR A 421 14.69 2.09 -0.16
N ARG A 422 13.63 2.28 -0.94
CA ARG A 422 12.50 1.36 -0.96
C ARG A 422 11.90 1.26 -2.34
N ILE A 423 11.65 0.02 -2.77
CA ILE A 423 10.81 -0.24 -3.91
C ILE A 423 9.56 -0.92 -3.40
N SER A 424 8.40 -0.43 -3.83
CA SER A 424 7.19 -1.18 -3.55
C SER A 424 6.55 -1.60 -4.88
N LEU A 425 6.10 -2.84 -4.90
CA LEU A 425 5.39 -3.41 -6.02
C LEU A 425 3.94 -3.57 -5.57
N VAL A 426 3.07 -2.80 -6.18
CA VAL A 426 1.69 -2.72 -5.74
C VAL A 426 0.80 -3.46 -6.70
N PHE A 427 0.14 -4.52 -6.22
CA PHE A 427 -0.70 -5.34 -7.09
C PHE A 427 -2.20 -5.10 -6.84
N TYR A 428 -2.94 -4.86 -7.91
CA TYR A 428 -4.34 -4.46 -7.81
C TYR A 428 -5.19 -4.87 -8.99
N GLN A 429 -6.51 -4.73 -8.85
CA GLN A 429 -7.39 -4.89 -9.99
C GLN A 429 -8.38 -3.75 -9.99
N HIS A 430 -8.46 -3.04 -11.10
CA HIS A 430 -9.39 -1.94 -11.22
C HIS A 430 -10.82 -2.44 -11.40
N LYS A 431 -11.76 -1.50 -11.28
CA LYS A 431 -13.16 -1.77 -11.53
C LYS A 431 -13.38 -2.00 -13.02
N SER A 432 -14.41 -2.80 -13.33
CA SER A 432 -14.88 -2.96 -14.71
C SER A 432 -13.78 -3.46 -15.62
N MET A 433 -13.08 -4.51 -15.17
CA MET A 433 -12.06 -5.19 -15.95
C MET A 433 -12.54 -6.61 -16.23
N ASN A 434 -13.82 -6.73 -16.58
CA ASN A 434 -14.42 -8.04 -16.69
C ASN A 434 -14.90 -8.38 -18.10
N GLU A 435 -14.33 -7.73 -19.11
CA GLU A 435 -14.61 -8.08 -20.50
C GLU A 435 -13.46 -8.86 -21.14
N PRO A 436 -13.78 -9.77 -22.06
CA PRO A 436 -12.66 -10.45 -22.74
C PRO A 436 -11.92 -9.49 -23.69
N LYS A 437 -10.67 -9.82 -23.99
CA LYS A 437 -9.84 -9.04 -24.92
C LYS A 437 -9.81 -7.56 -24.61
N HIS A 438 -9.61 -7.23 -23.32
CA HIS A 438 -9.51 -5.83 -22.88
C HIS A 438 -10.75 -5.06 -23.28
N GLY A 439 -11.85 -5.77 -23.45
CA GLY A 439 -13.10 -5.16 -23.86
C GLY A 439 -13.13 -4.62 -25.27
N LEU A 440 -12.36 -5.25 -26.18
CA LEU A 440 -12.33 -4.83 -27.59
C LEU A 440 -13.72 -4.81 -28.24
N ALA A 441 -14.42 -5.94 -28.16
CA ALA A 441 -15.73 -6.08 -28.80
C ALA A 441 -16.73 -5.04 -28.29
N LEU A 442 -16.78 -4.87 -26.97
CA LEU A 442 -17.72 -3.95 -26.36
C LEU A 442 -17.52 -2.50 -26.86
N TRP A 443 -16.27 -2.15 -27.13
CA TRP A 443 -15.97 -0.81 -27.61
C TRP A 443 -16.28 -0.63 -29.09
N GLU A 444 -15.92 -1.62 -29.90
CA GLU A 444 -16.28 -1.59 -31.32
C GLU A 444 -17.79 -1.70 -31.45
N ALA A 445 -18.43 -2.26 -30.43
CA ALA A 445 -19.89 -2.34 -30.41
C ALA A 445 -20.49 -0.95 -30.16
N LYS A 446 -19.73 -0.04 -29.58
CA LYS A 446 -20.23 1.32 -29.38
C LYS A 446 -20.14 2.12 -30.68
N MET A 447 -20.82 1.61 -31.72
CA MET A 447 -20.92 2.28 -33.01
C MET A 447 -22.35 2.27 -33.53
#